data_6YY8
#
_entry.id   6YY8
#
_cell.length_a   47.787
_cell.length_b   64.771
_cell.length_c   48.311
_cell.angle_alpha   90.000
_cell.angle_beta   110.800
_cell.angle_gamma   90.000
#
_symmetry.space_group_name_H-M   'P 1 21 1'
#
loop_
_entity.id
_entity.type
_entity.pdbx_description
1 polymer 'Phosphoribosylaminoimidazole-succinocarboxamide synthase'
2 non-polymer 1,2-ETHANEDIOL
3 non-polymer 4-azanyl-6-[1-(2-morpholin-4-ylethyl)pyrazol-4-yl]pyrimidine-5-carbonitrile
4 non-polymer 'SULFATE ION'
5 water water
#
_entity_poly.entity_id   1
_entity_poly.type   'polypeptide(L)'
_entity_poly.pdbx_seq_one_letter_code
;MSHHHHHHSMRPSLSDYQHVASGKVRELYRVDDEHLLFVATDRISAFDFVLDTPIPDKGRILTAMSVFFFGLLTVPNHLA
GPPDDPRIPEEVLGRALLVRRLDMLPVECVARGYLTGSGLLDYQRTGAVCGHVLPQGLGEASRLDPPLFTPATKADIGEH
DMNVDFAAVVGLVGAVRANQLRDETIKIYTRAAAHALHKGIILADTKFEFGVDIEGNLVLADEVFTPDSSRYWDAAHYQP
GVVQDSFDKQFVRNWLTGPESGWDRASDTPPPPLPDEVAVATRERYIEAYERISGLSFSDWIGPSA
;
_entity_poly.pdbx_strand_id   A
#
loop_
_chem_comp.id
_chem_comp.type
_chem_comp.name
_chem_comp.formula
EDO non-polymer 1,2-ETHANEDIOL 'C2 H6 O2'
Q0N non-polymer 4-azanyl-6-[1-(2-morpholin-4-ylethyl)pyrazol-4-yl]pyrimidine-5-carbonitrile 'C14 H17 N7 O'
SO4 non-polymer 'SULFATE ION' 'O4 S -2'
#
# COMPACT_ATOMS: atom_id res chain seq x y z
N MET A 10 -27.82 -11.05 12.60
CA MET A 10 -27.65 -9.61 12.68
C MET A 10 -26.19 -9.23 12.92
N ARG A 11 -25.63 -8.45 12.00
CA ARG A 11 -24.26 -7.96 12.15
C ARG A 11 -24.21 -6.91 13.25
N PRO A 12 -23.10 -6.86 14.00
CA PRO A 12 -22.95 -5.85 15.04
C PRO A 12 -22.85 -4.47 14.42
N SER A 13 -23.05 -3.45 15.26
CA SER A 13 -22.78 -2.10 14.83
C SER A 13 -21.31 -1.80 15.02
N LEU A 14 -20.77 -0.91 14.21
CA LEU A 14 -19.39 -0.47 14.37
C LEU A 14 -19.21 0.14 15.76
N SER A 15 -20.27 0.77 16.28
CA SER A 15 -20.23 1.39 17.60
C SER A 15 -20.11 0.37 18.74
N ASP A 16 -20.26 -0.92 18.44
CA ASP A 16 -20.04 -1.98 19.44
C ASP A 16 -18.56 -2.29 19.65
N TYR A 17 -17.71 -1.79 18.75
CA TYR A 17 -16.28 -2.04 18.81
C TYR A 17 -15.51 -0.79 19.24
N GLN A 18 -14.34 -0.97 19.84
CA GLN A 18 -13.55 0.17 20.29
C GLN A 18 -12.51 0.59 19.24
N HIS A 19 -12.58 1.84 18.83
CA HIS A 19 -11.58 2.41 17.92
C HIS A 19 -10.22 2.44 18.62
N VAL A 20 -9.19 1.95 17.93
CA VAL A 20 -7.86 1.94 18.54
C VAL A 20 -6.81 2.71 17.75
N ALA A 21 -7.08 2.99 16.49
CA ALA A 21 -6.09 3.66 15.66
C ALA A 21 -6.70 4.17 14.37
N SER A 22 -6.23 5.34 13.95
CA SER A 22 -6.59 5.89 12.66
C SER A 22 -5.34 6.24 11.89
N GLY A 23 -5.36 5.96 10.58
CA GLY A 23 -4.34 6.42 9.67
C GLY A 23 -4.97 7.48 8.79
N LYS A 24 -4.31 7.81 7.69
CA LYS A 24 -4.83 8.82 6.77
C LYS A 24 -6.16 8.39 6.17
N VAL A 25 -6.27 7.12 5.78
CA VAL A 25 -7.47 6.65 5.09
C VAL A 25 -7.96 5.30 5.61
N ARG A 26 -7.34 4.80 6.68
CA ARG A 26 -7.79 3.55 7.29
C ARG A 26 -8.04 3.69 8.79
N GLU A 27 -8.85 2.78 9.31
CA GLU A 27 -9.18 2.76 10.72
C GLU A 27 -9.06 1.35 11.27
N LEU A 28 -8.78 1.26 12.56
CA LEU A 28 -8.59 -0.02 13.22
C LEU A 28 -9.46 -0.07 14.47
N TYR A 29 -10.19 -1.16 14.65
CA TYR A 29 -11.04 -1.36 15.81
C TYR A 29 -10.73 -2.67 16.52
N ARG A 30 -10.85 -2.65 17.84
CA ARG A 30 -10.78 -3.87 18.62
C ARG A 30 -12.10 -4.63 18.55
N VAL A 31 -12.03 -5.90 18.17
CA VAL A 31 -13.20 -6.78 18.17
C VAL A 31 -13.26 -7.61 19.45
N ASP A 32 -12.15 -8.28 19.79
CA ASP A 32 -11.99 -8.89 21.11
C ASP A 32 -10.49 -8.94 21.42
N ASP A 33 -10.10 -9.71 22.43
CA ASP A 33 -8.69 -9.70 22.87
C ASP A 33 -7.73 -10.17 21.78
N GLU A 34 -8.22 -10.94 20.82
CA GLU A 34 -7.33 -11.49 19.81
C GLU A 34 -7.67 -11.11 18.37
N HIS A 35 -8.67 -10.25 18.18
CA HIS A 35 -9.08 -9.85 16.83
C HIS A 35 -9.33 -8.37 16.71
N LEU A 36 -9.03 -7.87 15.53
CA LEU A 36 -9.28 -6.48 15.16
C LEU A 36 -10.13 -6.42 13.91
N LEU A 37 -10.69 -5.24 13.66
CA LEU A 37 -11.41 -4.95 12.43
C LEU A 37 -10.62 -3.91 11.66
N PHE A 38 -10.18 -4.27 10.47
CA PHE A 38 -9.31 -3.45 9.65
C PHE A 38 -10.15 -2.79 8.57
N VAL A 39 -10.33 -1.47 8.67
CA VAL A 39 -11.31 -0.74 7.87
C VAL A 39 -10.65 0.21 6.87
N ALA A 40 -10.97 0.02 5.59
CA ALA A 40 -10.59 0.97 4.54
C ALA A 40 -11.70 2.00 4.35
N THR A 41 -11.33 3.28 4.24
CA THR A 41 -12.30 4.32 3.91
C THR A 41 -12.21 4.70 2.43
N ASP A 42 -13.09 5.60 1.99
CA ASP A 42 -13.05 6.09 0.62
C ASP A 42 -12.16 7.33 0.47
N ARG A 43 -11.42 7.68 1.52
CA ARG A 43 -10.53 8.84 1.46
C ARG A 43 -9.35 8.55 0.54
N ILE A 44 -8.85 9.58 -0.12
CA ILE A 44 -7.68 9.47 -0.98
C ILE A 44 -6.65 10.53 -0.59
N SER A 45 -5.38 10.16 -0.67
CA SER A 45 -4.28 11.06 -0.36
C SER A 45 -3.54 11.42 -1.64
N ALA A 46 -3.26 12.70 -1.82
CA ALA A 46 -2.40 13.18 -2.90
C ALA A 46 -1.55 14.32 -2.38
N PHE A 47 -0.27 14.33 -2.75
CA PHE A 47 0.67 15.37 -2.31
C PHE A 47 0.72 15.50 -0.79
N ASP A 48 0.58 14.36 -0.10
CA ASP A 48 0.62 14.28 1.35
C ASP A 48 -0.56 15.00 2.03
N PHE A 49 -1.64 15.20 1.28
CA PHE A 49 -2.88 15.70 1.84
C PHE A 49 -4.00 14.66 1.67
N VAL A 50 -4.75 14.43 2.72
CA VAL A 50 -6.01 13.72 2.59
C VAL A 50 -7.02 14.69 1.96
N LEU A 51 -7.51 14.35 0.78
CA LEU A 51 -8.36 15.27 0.04
C LEU A 51 -9.78 15.35 0.61
N ASP A 52 -10.46 16.45 0.33
CA ASP A 52 -11.82 16.67 0.83
C ASP A 52 -12.83 15.71 0.22
N THR A 53 -12.54 15.30 -1.00
CA THR A 53 -13.48 14.51 -1.79
C THR A 53 -13.15 13.04 -1.71
N PRO A 54 -14.11 12.22 -1.22
CA PRO A 54 -13.90 10.78 -1.25
C PRO A 54 -14.02 10.21 -2.66
N ILE A 55 -13.39 9.06 -2.89
CA ILE A 55 -13.55 8.32 -4.14
C ILE A 55 -14.55 7.20 -3.89
N PRO A 56 -15.74 7.26 -4.52
CA PRO A 56 -16.75 6.25 -4.19
C PRO A 56 -16.24 4.83 -4.45
N ASP A 57 -16.49 3.96 -3.49
CA ASP A 57 -16.12 2.55 -3.51
C ASP A 57 -14.62 2.25 -3.40
N LYS A 58 -13.78 3.29 -3.22
CA LYS A 58 -12.34 3.06 -3.11
C LYS A 58 -12.00 2.09 -1.99
N GLY A 59 -12.61 2.25 -0.81
CA GLY A 59 -12.37 1.35 0.29
C GLY A 59 -12.69 -0.09 -0.06
N ARG A 60 -13.84 -0.32 -0.70
CA ARG A 60 -14.21 -1.67 -1.11
C ARG A 60 -13.28 -2.24 -2.17
N ILE A 61 -12.91 -1.43 -3.15
CA ILE A 61 -12.04 -1.91 -4.21
C ILE A 61 -10.65 -2.26 -3.66
N LEU A 62 -10.10 -1.42 -2.78
CA LEU A 62 -8.79 -1.72 -2.24
C LEU A 62 -8.81 -2.95 -1.31
N THR A 63 -9.91 -3.14 -0.60
CA THR A 63 -10.07 -4.32 0.25
C THR A 63 -10.11 -5.56 -0.63
N ALA A 64 -10.88 -5.50 -1.71
CA ALA A 64 -10.95 -6.60 -2.66
C ALA A 64 -9.57 -6.92 -3.25
N MET A 65 -8.81 -5.89 -3.58
CA MET A 65 -7.45 -6.05 -4.09
C MET A 65 -6.54 -6.76 -3.08
N SER A 66 -6.57 -6.27 -1.85
CA SER A 66 -5.73 -6.83 -0.80
C SER A 66 -6.08 -8.30 -0.58
N VAL A 67 -7.36 -8.62 -0.50
CA VAL A 67 -7.81 -10.00 -0.32
C VAL A 67 -7.33 -10.87 -1.47
N PHE A 68 -7.43 -10.37 -2.71
CA PHE A 68 -6.94 -11.14 -3.84
C PHE A 68 -5.46 -11.47 -3.68
N PHE A 69 -4.65 -10.47 -3.37
CA PHE A 69 -3.22 -10.70 -3.27
C PHE A 69 -2.86 -11.60 -2.07
N PHE A 70 -3.56 -11.46 -0.95
CA PHE A 70 -3.34 -12.38 0.17
C PHE A 70 -3.55 -13.82 -0.28
N GLY A 71 -4.59 -14.04 -1.09
CA GLY A 71 -4.91 -15.37 -1.56
C GLY A 71 -3.90 -15.89 -2.56
N LEU A 72 -3.29 -14.98 -3.31
CA LEU A 72 -2.29 -15.34 -4.31
C LEU A 72 -0.97 -15.77 -3.65
N LEU A 73 -0.62 -15.08 -2.57
CA LEU A 73 0.65 -15.33 -1.88
C LEU A 73 0.53 -16.52 -0.92
N THR A 74 1.61 -17.28 -0.76
CA THR A 74 1.55 -18.48 0.08
C THR A 74 1.89 -18.22 1.55
N VAL A 75 2.32 -17.00 1.86
CA VAL A 75 2.77 -16.71 3.22
C VAL A 75 1.63 -16.52 4.21
N PRO A 76 1.86 -16.88 5.49
CA PRO A 76 0.87 -16.63 6.52
C PRO A 76 0.48 -15.15 6.57
N ASN A 77 -0.80 -14.88 6.74
CA ASN A 77 -1.25 -13.50 6.83
C ASN A 77 -2.26 -13.33 7.96
N HIS A 78 -2.61 -12.07 8.27
CA HIS A 78 -3.42 -11.82 9.47
C HIS A 78 -4.93 -11.95 9.28
N LEU A 79 -5.37 -12.35 8.09
CA LEU A 79 -6.82 -12.49 7.90
C LEU A 79 -7.38 -13.57 8.81
N ALA A 80 -8.51 -13.30 9.46
CA ALA A 80 -9.05 -14.20 10.47
C ALA A 80 -10.47 -14.65 10.15
N GLY A 81 -10.97 -14.25 8.99
CA GLY A 81 -12.29 -14.68 8.56
C GLY A 81 -12.54 -14.23 7.13
N PRO A 82 -13.66 -14.70 6.55
CA PRO A 82 -14.02 -14.34 5.18
C PRO A 82 -14.50 -12.90 5.08
N PRO A 83 -14.58 -12.37 3.86
CA PRO A 83 -15.03 -10.98 3.70
C PRO A 83 -16.46 -10.74 4.15
N ASP A 84 -17.25 -11.79 4.34
CA ASP A 84 -18.62 -11.62 4.82
C ASP A 84 -18.79 -12.13 6.24
N ASP A 85 -17.67 -12.29 6.96
CA ASP A 85 -17.69 -12.72 8.36
C ASP A 85 -18.75 -11.94 9.13
N PRO A 86 -19.61 -12.63 9.90
CA PRO A 86 -20.72 -11.97 10.60
C PRO A 86 -20.26 -10.93 11.62
N ARG A 87 -18.98 -10.93 11.99
CA ARG A 87 -18.51 -9.92 12.93
C ARG A 87 -18.29 -8.56 12.26
N ILE A 88 -18.39 -8.51 10.94
CA ILE A 88 -18.22 -7.27 10.20
C ILE A 88 -19.54 -6.50 10.11
N PRO A 89 -19.56 -5.25 10.61
CA PRO A 89 -20.79 -4.45 10.53
C PRO A 89 -21.25 -4.18 9.10
N GLU A 90 -22.56 -4.08 8.91
CA GLU A 90 -23.15 -3.77 7.61
C GLU A 90 -22.54 -2.52 6.99
N GLU A 91 -22.35 -1.50 7.82
CA GLU A 91 -21.91 -0.20 7.35
C GLU A 91 -20.52 -0.24 6.68
N VAL A 92 -19.69 -1.22 7.05
CA VAL A 92 -18.36 -1.32 6.44
C VAL A 92 -18.18 -2.61 5.62
N LEU A 93 -19.28 -3.28 5.31
CA LEU A 93 -19.21 -4.54 4.57
C LEU A 93 -18.55 -4.31 3.21
N GLY A 94 -17.55 -5.14 2.90
CA GLY A 94 -16.80 -5.00 1.66
C GLY A 94 -15.55 -4.16 1.81
N ARG A 95 -15.47 -3.35 2.85
CA ARG A 95 -14.29 -2.50 3.06
C ARG A 95 -13.67 -2.71 4.44
N ALA A 96 -13.98 -3.83 5.07
CA ALA A 96 -13.43 -4.16 6.37
C ALA A 96 -13.17 -5.63 6.47
N LEU A 97 -12.11 -5.99 7.17
CA LEU A 97 -11.68 -7.37 7.34
C LEU A 97 -11.45 -7.67 8.79
N LEU A 98 -11.82 -8.88 9.18
CA LEU A 98 -11.54 -9.41 10.54
C LEU A 98 -10.11 -9.97 10.50
N VAL A 99 -9.25 -9.46 11.35
CA VAL A 99 -7.86 -9.89 11.37
C VAL A 99 -7.43 -10.30 12.78
N ARG A 100 -6.39 -11.12 12.82
CA ARG A 100 -5.79 -11.57 14.07
C ARG A 100 -4.91 -10.49 14.63
N ARG A 101 -4.99 -10.26 15.94
CA ARG A 101 -4.10 -9.30 16.58
C ARG A 101 -2.69 -9.90 16.65
N LEU A 102 -1.71 -9.13 16.18
CA LEU A 102 -0.30 -9.54 16.20
C LEU A 102 0.55 -8.57 17.00
N ASP A 103 1.74 -9.00 17.38
CA ASP A 103 2.76 -8.07 17.86
C ASP A 103 3.49 -7.52 16.65
N MET A 104 3.21 -6.28 16.29
CA MET A 104 3.71 -5.71 15.06
C MET A 104 5.20 -5.38 15.15
N LEU A 105 5.93 -5.65 14.07
CA LEU A 105 7.34 -5.28 14.01
C LEU A 105 7.44 -3.88 13.44
N PRO A 106 8.22 -3.02 14.09
CA PRO A 106 8.30 -1.59 13.75
C PRO A 106 9.19 -1.28 12.56
N VAL A 107 8.95 -1.96 11.45
CA VAL A 107 9.71 -1.74 10.22
C VAL A 107 8.77 -1.66 9.04
N GLU A 108 8.88 -0.60 8.25
CA GLU A 108 8.16 -0.54 6.99
C GLU A 108 9.00 -1.30 5.97
N CYS A 109 8.49 -2.46 5.58
CA CYS A 109 9.24 -3.34 4.69
C CYS A 109 8.93 -3.01 3.25
N VAL A 110 9.87 -2.33 2.60
CA VAL A 110 9.65 -1.86 1.25
C VAL A 110 10.53 -2.63 0.28
N ALA A 111 9.93 -3.04 -0.84
CA ALA A 111 10.68 -3.58 -1.98
C ALA A 111 10.57 -2.61 -3.15
N ARG A 112 11.67 -2.39 -3.86
CA ARG A 112 11.65 -1.55 -5.05
C ARG A 112 12.14 -2.32 -6.26
N GLY A 113 11.29 -2.48 -7.27
CA GLY A 113 11.69 -3.09 -8.51
C GLY A 113 12.19 -2.06 -9.52
N TYR A 114 11.90 -0.79 -9.24
CA TYR A 114 12.21 0.33 -10.12
C TYR A 114 12.61 1.51 -9.24
N LEU A 115 13.45 2.37 -9.79
CA LEU A 115 14.04 3.46 -9.01
C LEU A 115 13.25 4.76 -9.17
N THR A 116 12.55 5.17 -8.11
CA THR A 116 11.77 6.39 -8.18
C THR A 116 11.58 6.92 -6.76
N GLY A 117 10.96 8.08 -6.60
CA GLY A 117 10.65 8.60 -5.28
C GLY A 117 11.88 8.80 -4.41
N SER A 118 11.77 8.47 -3.12
CA SER A 118 12.89 8.69 -2.21
C SER A 118 14.06 7.76 -2.52
N GLY A 119 13.79 6.61 -3.15
CA GLY A 119 14.88 5.73 -3.54
C GLY A 119 15.75 6.39 -4.59
N LEU A 120 15.11 6.96 -5.62
CA LEU A 120 15.85 7.69 -6.64
C LEU A 120 16.61 8.87 -6.03
N LEU A 121 15.96 9.61 -5.14
CA LEU A 121 16.58 10.80 -4.55
C LEU A 121 17.81 10.41 -3.72
N ASP A 122 17.68 9.37 -2.90
CA ASP A 122 18.81 8.91 -2.11
C ASP A 122 19.97 8.53 -3.05
N TYR A 123 19.65 7.84 -4.13
CA TYR A 123 20.65 7.45 -5.11
C TYR A 123 21.33 8.66 -5.75
N GLN A 124 20.52 9.65 -6.13
CA GLN A 124 21.09 10.83 -6.79
C GLN A 124 21.98 11.65 -5.84
N ARG A 125 21.68 11.59 -4.55
CA ARG A 125 22.48 12.30 -3.55
C ARG A 125 23.76 11.55 -3.15
N THR A 126 23.68 10.22 -3.09
CA THR A 126 24.73 9.44 -2.43
C THR A 126 25.27 8.26 -3.24
N GLY A 127 24.57 7.87 -4.30
CA GLY A 127 24.91 6.68 -5.04
C GLY A 127 24.39 5.39 -4.41
N ALA A 128 23.71 5.53 -3.27
CA ALA A 128 23.24 4.37 -2.51
C ALA A 128 21.80 4.58 -2.04
N VAL A 129 21.12 3.46 -1.80
CA VAL A 129 19.77 3.48 -1.23
C VAL A 129 19.71 2.45 -0.11
N CYS A 130 19.45 2.90 1.11
CA CYS A 130 19.31 2.00 2.26
C CYS A 130 20.46 1.03 2.39
N GLY A 131 21.67 1.54 2.16
CA GLY A 131 22.87 0.73 2.31
C GLY A 131 23.32 -0.01 1.06
N HIS A 132 22.49 0.02 0.01
CA HIS A 132 22.82 -0.62 -1.26
C HIS A 132 23.51 0.34 -2.20
N VAL A 133 24.78 0.09 -2.49
CA VAL A 133 25.52 0.89 -3.45
C VAL A 133 25.19 0.37 -4.85
N LEU A 134 24.59 1.24 -5.65
CA LEU A 134 24.02 0.84 -6.94
C LEU A 134 24.97 1.14 -8.10
N PRO A 135 24.71 0.54 -9.29
CA PRO A 135 25.50 0.90 -10.47
C PRO A 135 25.35 2.38 -10.81
N GLN A 136 26.37 2.94 -11.46
CA GLN A 136 26.26 4.30 -11.97
C GLN A 136 25.33 4.31 -13.18
N GLY A 137 24.75 5.48 -13.46
CA GLY A 137 24.01 5.68 -14.68
C GLY A 137 22.52 5.39 -14.63
N LEU A 138 22.00 5.09 -13.44
CA LEU A 138 20.57 4.91 -13.27
C LEU A 138 19.84 6.24 -13.19
N GLY A 139 18.53 6.19 -13.41
CA GLY A 139 17.72 7.40 -13.32
C GLY A 139 16.27 7.07 -13.08
N GLU A 140 15.42 8.07 -13.30
CA GLU A 140 13.99 7.95 -13.05
C GLU A 140 13.40 6.74 -13.75
N ALA A 141 12.75 5.90 -12.94
CA ALA A 141 12.04 4.71 -13.40
C ALA A 141 12.95 3.64 -14.01
N SER A 142 14.26 3.69 -13.70
CA SER A 142 15.17 2.60 -14.08
C SER A 142 14.74 1.31 -13.40
N ARG A 143 14.79 0.22 -14.15
CA ARG A 143 14.57 -1.09 -13.57
C ARG A 143 15.72 -1.47 -12.63
N LEU A 144 15.37 -2.04 -11.47
CA LEU A 144 16.35 -2.57 -10.51
C LEU A 144 16.28 -4.08 -10.50
N ASP A 145 17.38 -4.74 -10.79
CA ASP A 145 17.41 -6.19 -10.71
C ASP A 145 18.68 -6.62 -10.01
N PRO A 146 18.55 -7.35 -8.90
CA PRO A 146 17.31 -7.79 -8.25
C PRO A 146 16.56 -6.63 -7.59
N PRO A 147 15.30 -6.86 -7.20
CA PRO A 147 14.60 -5.81 -6.46
C PRO A 147 15.36 -5.50 -5.18
N LEU A 148 15.27 -4.25 -4.72
CA LEU A 148 15.97 -3.82 -3.52
C LEU A 148 15.07 -3.85 -2.30
N PHE A 149 15.61 -4.32 -1.18
CA PHE A 149 14.98 -4.15 0.12
C PHE A 149 15.38 -2.79 0.65
N THR A 150 14.41 -1.88 0.77
CA THR A 150 14.69 -0.50 1.17
C THR A 150 13.82 -0.13 2.36
N PRO A 151 14.17 -0.66 3.54
CA PRO A 151 13.32 -0.48 4.72
C PRO A 151 13.24 0.98 5.18
N ALA A 152 12.16 1.28 5.88
CA ALA A 152 11.96 2.62 6.43
C ALA A 152 11.32 2.52 7.81
N THR A 153 11.40 3.61 8.56
CA THR A 153 10.75 3.68 9.86
C THR A 153 9.80 4.87 9.87
N LYS A 154 8.69 4.72 10.59
CA LYS A 154 7.73 5.82 10.69
C LYS A 154 8.33 6.96 11.50
N ALA A 155 8.09 8.19 11.04
CA ALA A 155 8.58 9.36 11.73
C ALA A 155 7.44 10.00 12.53
N ASP A 156 7.57 11.30 12.80
CA ASP A 156 6.56 12.03 13.54
C ASP A 156 5.27 12.16 12.73
N ILE A 157 4.22 12.68 13.37
CA ILE A 157 2.94 12.87 12.71
C ILE A 157 3.07 13.78 11.49
N GLY A 158 2.49 13.35 10.38
CA GLY A 158 2.49 14.15 9.16
C GLY A 158 3.82 14.16 8.42
N GLU A 159 4.81 13.45 8.94
CA GLU A 159 6.13 13.40 8.33
C GLU A 159 6.33 12.11 7.53
N HIS A 160 7.17 12.18 6.50
CA HIS A 160 7.47 11.02 5.67
C HIS A 160 8.24 9.96 6.47
N ASP A 161 8.08 8.70 6.09
CA ASP A 161 8.90 7.63 6.65
C ASP A 161 10.38 7.92 6.37
N MET A 162 11.25 7.47 7.26
CA MET A 162 12.69 7.66 7.08
C MET A 162 13.36 6.40 6.55
N ASN A 163 14.05 6.52 5.40
CA ASN A 163 14.79 5.38 4.87
C ASN A 163 15.95 4.99 5.78
N VAL A 164 16.08 3.69 6.04
CA VAL A 164 17.15 3.18 6.89
C VAL A 164 17.86 2.00 6.21
N ASP A 165 19.03 1.63 6.72
CA ASP A 165 19.73 0.49 6.11
C ASP A 165 19.48 -0.80 6.87
N PHE A 166 20.11 -1.87 6.41
CA PHE A 166 19.85 -3.18 6.99
C PHE A 166 20.27 -3.23 8.47
N ALA A 167 21.38 -2.58 8.81
CA ALA A 167 21.83 -2.56 10.20
C ALA A 167 20.75 -1.97 11.11
N ALA A 168 20.07 -0.93 10.65
CA ALA A 168 18.98 -0.35 11.41
C ALA A 168 17.88 -1.38 11.65
N VAL A 169 17.57 -2.19 10.64
CA VAL A 169 16.54 -3.21 10.81
C VAL A 169 16.99 -4.26 11.84
N VAL A 170 18.26 -4.68 11.74
CA VAL A 170 18.81 -5.59 12.74
C VAL A 170 18.61 -5.03 14.15
N GLY A 171 18.92 -3.74 14.35
CA GLY A 171 18.78 -3.11 15.65
C GLY A 171 17.34 -3.02 16.13
N LEU A 172 16.39 -3.02 15.20
CA LEU A 172 14.98 -2.95 15.56
C LEU A 172 14.36 -4.31 15.92
N VAL A 173 14.76 -5.37 15.21
CA VAL A 173 14.03 -6.64 15.35
C VAL A 173 14.87 -7.88 15.60
N GLY A 174 16.20 -7.76 15.57
CA GLY A 174 17.08 -8.92 15.71
C GLY A 174 17.74 -9.30 14.38
N ALA A 175 18.93 -9.90 14.47
CA ALA A 175 19.69 -10.22 13.27
C ALA A 175 19.00 -11.27 12.39
N VAL A 176 18.57 -12.37 12.99
CA VAL A 176 17.90 -13.42 12.24
C VAL A 176 16.55 -12.92 11.70
N ARG A 177 15.79 -12.21 12.52
CA ARG A 177 14.51 -11.68 12.06
C ARG A 177 14.69 -10.67 10.91
N ALA A 178 15.73 -9.84 10.98
CA ALA A 178 15.97 -8.87 9.91
C ALA A 178 16.21 -9.59 8.59
N ASN A 179 17.01 -10.65 8.62
CA ASN A 179 17.24 -11.48 7.44
CA ASN A 179 17.24 -11.43 7.42
C ASN A 179 15.95 -12.00 6.88
N GLN A 180 15.08 -12.46 7.77
CA GLN A 180 13.79 -13.00 7.37
C GLN A 180 12.90 -11.93 6.72
N LEU A 181 12.86 -10.73 7.31
CA LEU A 181 12.07 -9.65 6.73
C LEU A 181 12.57 -9.31 5.33
N ARG A 182 13.89 -9.22 5.17
CA ARG A 182 14.47 -8.92 3.87
CA ARG A 182 14.46 -8.91 3.87
C ARG A 182 14.09 -9.97 2.85
N ASP A 183 14.31 -11.23 3.19
CA ASP A 183 14.07 -12.32 2.25
C ASP A 183 12.59 -12.44 1.88
N GLU A 184 11.71 -12.38 2.87
CA GLU A 184 10.29 -12.51 2.60
C GLU A 184 9.76 -11.31 1.79
N THR A 185 10.22 -10.12 2.13
CA THR A 185 9.76 -8.93 1.41
C THR A 185 10.09 -9.04 -0.07
N ILE A 186 11.32 -9.44 -0.38
CA ILE A 186 11.70 -9.55 -1.78
CA ILE A 186 11.74 -9.57 -1.77
C ILE A 186 10.98 -10.71 -2.47
N LYS A 187 10.84 -11.84 -1.80
CA LYS A 187 10.13 -12.99 -2.38
C LYS A 187 8.68 -12.66 -2.72
N ILE A 188 7.99 -12.04 -1.77
CA ILE A 188 6.59 -11.70 -1.93
C ILE A 188 6.42 -10.64 -3.04
N TYR A 189 7.25 -9.61 -3.01
CA TYR A 189 7.20 -8.59 -4.07
C TYR A 189 7.42 -9.22 -5.44
N THR A 190 8.42 -10.08 -5.55
CA THR A 190 8.75 -10.66 -6.84
C THR A 190 7.56 -11.44 -7.41
N ARG A 191 6.90 -12.22 -6.57
CA ARG A 191 5.75 -13.01 -7.01
C ARG A 191 4.60 -12.11 -7.49
N ALA A 192 4.25 -11.13 -6.68
CA ALA A 192 3.14 -10.26 -7.01
C ALA A 192 3.45 -9.41 -8.24
N ALA A 193 4.68 -8.92 -8.33
CA ALA A 193 5.06 -8.05 -9.44
C ALA A 193 5.00 -8.81 -10.76
N ALA A 194 5.45 -10.07 -10.78
CA ALA A 194 5.40 -10.88 -11.98
C ALA A 194 3.95 -11.13 -12.40
N HIS A 195 3.09 -11.42 -11.42
CA HIS A 195 1.69 -11.64 -11.70
C HIS A 195 1.04 -10.39 -12.32
N ALA A 196 1.27 -9.25 -11.71
CA ALA A 196 0.68 -8.00 -12.18
C ALA A 196 1.18 -7.67 -13.58
N LEU A 197 2.47 -7.83 -13.82
CA LEU A 197 3.04 -7.48 -15.10
C LEU A 197 2.46 -8.35 -16.20
N HIS A 198 2.22 -9.61 -15.89
CA HIS A 198 1.60 -10.52 -16.84
C HIS A 198 0.21 -10.04 -17.27
N LYS A 199 -0.44 -9.28 -16.38
CA LYS A 199 -1.76 -8.71 -16.61
C LYS A 199 -1.70 -7.26 -17.13
N GLY A 200 -0.50 -6.74 -17.34
CA GLY A 200 -0.35 -5.42 -17.92
C GLY A 200 -0.12 -4.27 -16.96
N ILE A 201 0.12 -4.59 -15.68
CA ILE A 201 0.35 -3.58 -14.68
CA ILE A 201 0.34 -3.59 -14.65
C ILE A 201 1.71 -3.79 -14.02
N ILE A 202 2.53 -2.75 -13.96
CA ILE A 202 3.78 -2.84 -13.21
C ILE A 202 3.51 -2.41 -11.77
N LEU A 203 3.93 -3.25 -10.82
CA LEU A 203 4.00 -2.85 -9.42
C LEU A 203 5.42 -2.38 -9.20
N ALA A 204 5.66 -1.06 -9.18
CA ALA A 204 7.02 -0.54 -9.24
C ALA A 204 7.75 -0.77 -7.91
N ASP A 205 6.98 -0.75 -6.84
CA ASP A 205 7.48 -0.91 -5.48
C ASP A 205 6.29 -1.26 -4.59
N THR A 206 6.57 -1.58 -3.33
CA THR A 206 5.50 -1.91 -2.41
C THR A 206 5.99 -1.78 -0.98
N LYS A 207 5.05 -1.56 -0.05
CA LYS A 207 5.35 -1.43 1.36
C LYS A 207 4.47 -2.41 2.15
N PHE A 208 5.14 -3.24 2.97
CA PHE A 208 4.53 -4.26 3.85
C PHE A 208 4.76 -3.92 5.31
N GLU A 209 3.83 -4.28 6.17
CA GLU A 209 4.13 -4.46 7.59
C GLU A 209 3.87 -5.91 7.96
N PHE A 210 4.73 -6.43 8.84
CA PHE A 210 4.58 -7.76 9.42
C PHE A 210 4.39 -7.69 10.92
N GLY A 211 3.77 -8.72 11.46
CA GLY A 211 3.75 -8.91 12.89
C GLY A 211 4.13 -10.33 13.23
N VAL A 212 4.20 -10.62 14.53
CA VAL A 212 4.50 -11.97 14.95
CA VAL A 212 4.55 -11.93 15.03
C VAL A 212 3.38 -12.49 15.83
N ASP A 213 3.04 -13.77 15.62
CA ASP A 213 1.97 -14.39 16.38
C ASP A 213 2.50 -14.97 17.67
N ILE A 214 1.66 -15.70 18.40
CA ILE A 214 2.02 -16.25 19.70
C ILE A 214 3.21 -17.20 19.63
N GLU A 215 3.33 -17.92 18.52
CA GLU A 215 4.36 -18.94 18.35
C GLU A 215 5.68 -18.36 17.85
N GLY A 216 5.71 -17.05 17.59
CA GLY A 216 6.92 -16.44 17.10
C GLY A 216 6.98 -16.39 15.59
N ASN A 217 5.90 -16.84 14.96
CA ASN A 217 5.83 -16.91 13.50
C ASN A 217 5.60 -15.56 12.86
N LEU A 218 6.29 -15.32 11.75
CA LEU A 218 6.13 -14.09 10.98
C LEU A 218 4.83 -14.14 10.17
N VAL A 219 4.05 -13.07 10.28
CA VAL A 219 2.74 -12.97 9.63
C VAL A 219 2.60 -11.65 8.89
N LEU A 220 2.27 -11.74 7.61
CA LEU A 220 2.03 -10.55 6.77
C LEU A 220 0.73 -9.88 7.20
N ALA A 221 0.78 -8.58 7.43
CA ALA A 221 -0.37 -7.89 8.00
C ALA A 221 -0.73 -6.67 7.12
N ASP A 222 -1.42 -5.70 7.71
CA ASP A 222 -1.80 -4.46 7.01
C ASP A 222 -2.55 -4.78 5.72
N GLU A 223 -2.25 -4.05 4.65
CA GLU A 223 -2.82 -4.32 3.35
C GLU A 223 -1.70 -4.63 2.39
N VAL A 224 -2.00 -5.37 1.35
CA VAL A 224 -0.97 -5.80 0.45
C VAL A 224 -1.33 -5.47 -1.00
N PHE A 225 -0.36 -4.83 -1.64
CA PHE A 225 -0.41 -4.54 -3.07
C PHE A 225 -1.66 -3.77 -3.49
N THR A 226 -2.03 -2.78 -2.68
CA THR A 226 -3.01 -1.80 -3.12
C THR A 226 -2.28 -0.65 -3.83
N PRO A 227 -3.01 0.19 -4.57
CA PRO A 227 -2.35 1.35 -5.18
C PRO A 227 -1.99 2.43 -4.15
N ASP A 228 -2.41 2.27 -2.90
CA ASP A 228 -1.94 3.13 -1.82
C ASP A 228 -0.63 2.62 -1.20
N SER A 229 -0.42 1.30 -1.23
CA SER A 229 0.78 0.69 -0.63
C SER A 229 1.87 0.43 -1.66
N SER A 230 1.54 0.65 -2.92
CA SER A 230 2.37 0.26 -4.06
C SER A 230 2.20 1.26 -5.20
N ARG A 231 3.26 1.57 -5.94
CA ARG A 231 3.08 2.37 -7.16
C ARG A 231 2.61 1.47 -8.29
N TYR A 232 1.36 1.66 -8.71
CA TYR A 232 0.81 1.01 -9.90
C TYR A 232 1.15 1.83 -11.15
N TRP A 233 1.74 1.18 -12.15
CA TRP A 233 2.01 1.80 -13.45
C TRP A 233 1.36 1.00 -14.56
N ASP A 234 0.97 1.66 -15.64
CA ASP A 234 0.53 0.95 -16.84
C ASP A 234 1.74 0.40 -17.59
N ALA A 235 1.87 -0.93 -17.69
CA ALA A 235 3.04 -1.50 -18.34
C ALA A 235 3.14 -1.10 -19.81
N ALA A 236 2.01 -0.89 -20.47
CA ALA A 236 2.00 -0.58 -21.90
C ALA A 236 2.60 0.79 -22.18
N HIS A 237 2.75 1.60 -21.14
CA HIS A 237 3.36 2.93 -21.29
C HIS A 237 4.62 3.10 -20.47
N TYR A 238 5.23 1.99 -20.05
CA TYR A 238 6.46 2.08 -19.28
C TYR A 238 7.58 2.63 -20.17
N GLN A 239 8.13 3.77 -19.75
CA GLN A 239 9.17 4.45 -20.49
C GLN A 239 10.25 4.88 -19.51
N PRO A 240 11.31 4.09 -19.38
CA PRO A 240 12.36 4.50 -18.44
C PRO A 240 12.92 5.89 -18.78
N GLY A 241 13.23 6.67 -17.75
CA GLY A 241 13.84 7.97 -17.92
C GLY A 241 12.93 9.16 -17.69
N VAL A 242 11.62 8.91 -17.62
CA VAL A 242 10.65 9.95 -17.27
C VAL A 242 9.80 9.46 -16.12
N VAL A 243 9.07 10.36 -15.48
CA VAL A 243 8.19 9.97 -14.38
C VAL A 243 6.97 9.24 -14.95
N GLN A 244 6.69 8.05 -14.44
CA GLN A 244 5.54 7.28 -14.90
C GLN A 244 4.27 7.82 -14.28
N ASP A 245 3.19 7.81 -15.05
CA ASP A 245 1.87 8.16 -14.53
C ASP A 245 1.45 7.21 -13.42
N SER A 246 0.81 7.75 -12.40
CA SER A 246 0.16 6.93 -11.38
C SER A 246 -1.09 6.31 -11.99
N PHE A 247 -1.20 4.99 -12.00
CA PHE A 247 -2.34 4.37 -12.67
C PHE A 247 -3.64 4.90 -12.08
N ASP A 248 -3.69 4.97 -10.76
CA ASP A 248 -4.91 5.37 -10.07
C ASP A 248 -5.04 6.87 -9.82
N LYS A 249 -3.93 7.57 -9.57
CA LYS A 249 -4.04 8.94 -9.05
C LYS A 249 -3.67 10.05 -10.04
N GLN A 250 -3.33 9.70 -11.27
CA GLN A 250 -2.84 10.74 -12.16
C GLN A 250 -3.93 11.77 -12.53
N PHE A 251 -5.18 11.35 -12.68
CA PHE A 251 -6.24 12.33 -12.97
C PHE A 251 -6.32 13.36 -11.84
N VAL A 252 -6.30 12.86 -10.60
CA VAL A 252 -6.35 13.73 -9.43
C VAL A 252 -5.15 14.68 -9.40
N ARG A 253 -3.96 14.13 -9.62
CA ARG A 253 -2.76 14.95 -9.58
C ARG A 253 -2.75 16.03 -10.66
N ASN A 254 -3.18 15.66 -11.87
CA ASN A 254 -3.20 16.60 -12.98
C ASN A 254 -4.22 17.72 -12.75
N TRP A 255 -5.38 17.36 -12.21
CA TRP A 255 -6.39 18.39 -11.98
C TRP A 255 -5.95 19.37 -10.88
N LEU A 256 -5.40 18.84 -9.79
CA LEU A 256 -4.98 19.68 -8.68
C LEU A 256 -3.88 20.65 -9.07
N THR A 257 -2.97 20.22 -9.95
CA THR A 257 -1.86 21.08 -10.35
C THR A 257 -2.11 21.74 -11.70
N GLY A 258 -3.34 21.61 -12.21
CA GLY A 258 -3.73 22.24 -13.46
C GLY A 258 -4.34 23.62 -13.23
N PRO A 259 -4.79 24.26 -14.31
CA PRO A 259 -5.28 25.65 -14.24
C PRO A 259 -6.69 25.79 -13.67
N GLU A 260 -7.41 24.68 -13.51
CA GLU A 260 -8.81 24.75 -13.09
C GLU A 260 -8.99 24.67 -11.57
N SER A 261 -7.97 24.23 -10.85
CA SER A 261 -8.10 23.99 -9.41
C SER A 261 -8.00 25.27 -8.59
N GLY A 262 -7.24 26.24 -9.08
CA GLY A 262 -6.97 27.45 -8.34
C GLY A 262 -5.99 27.23 -7.19
N TRP A 263 -5.39 26.04 -7.15
CA TRP A 263 -4.51 25.66 -6.05
C TRP A 263 -3.03 25.73 -6.43
N ASP A 264 -2.22 26.26 -5.53
CA ASP A 264 -0.78 26.30 -5.71
C ASP A 264 -0.13 25.25 -4.82
N ARG A 265 0.42 24.20 -5.44
CA ARG A 265 1.01 23.09 -4.70
C ARG A 265 2.18 23.52 -3.81
N ALA A 266 2.99 24.46 -4.30
CA ALA A 266 4.16 24.93 -3.57
C ALA A 266 3.79 25.70 -2.31
N SER A 267 2.53 26.11 -2.20
CA SER A 267 2.07 26.86 -1.04
C SER A 267 1.92 25.95 0.17
N ASP A 268 1.69 24.66 -0.10
CA ASP A 268 1.51 23.64 0.93
C ASP A 268 0.30 23.94 1.82
N THR A 269 -0.65 24.69 1.27
CA THR A 269 -1.95 24.87 1.92
C THR A 269 -2.85 23.72 1.48
N PRO A 270 -3.85 23.36 2.29
CA PRO A 270 -4.71 22.24 1.90
C PRO A 270 -5.38 22.46 0.55
N PRO A 271 -5.36 21.43 -0.31
CA PRO A 271 -5.98 21.50 -1.64
C PRO A 271 -7.50 21.56 -1.60
N PRO A 272 -8.11 22.09 -2.68
CA PRO A 272 -9.56 22.21 -2.78
C PRO A 272 -10.22 20.87 -3.10
N PRO A 273 -11.56 20.79 -2.98
CA PRO A 273 -12.24 19.55 -3.37
C PRO A 273 -12.11 19.26 -4.87
N LEU A 274 -12.25 17.99 -5.20
CA LEU A 274 -12.17 17.53 -6.59
C LEU A 274 -13.48 17.64 -7.32
N PRO A 275 -13.44 17.87 -8.64
CA PRO A 275 -14.67 17.69 -9.42
C PRO A 275 -15.24 16.29 -9.27
N ASP A 276 -16.57 16.17 -9.21
CA ASP A 276 -17.22 14.87 -9.17
C ASP A 276 -16.72 13.97 -10.31
N GLU A 277 -16.57 14.55 -11.49
CA GLU A 277 -16.11 13.82 -12.65
C GLU A 277 -14.75 13.18 -12.43
N VAL A 278 -13.86 13.90 -11.75
CA VAL A 278 -12.53 13.38 -11.49
C VAL A 278 -12.62 12.23 -10.49
N ALA A 279 -13.48 12.38 -9.48
CA ALA A 279 -13.66 11.32 -8.49
C ALA A 279 -14.22 10.04 -9.14
N VAL A 280 -15.19 10.20 -10.03
CA VAL A 280 -15.80 9.05 -10.71
C VAL A 280 -14.80 8.37 -11.66
N ALA A 281 -14.01 9.17 -12.38
CA ALA A 281 -13.00 8.63 -13.28
C ALA A 281 -11.95 7.86 -12.51
N THR A 282 -11.66 8.33 -11.30
CA THR A 282 -10.67 7.70 -10.45
C THR A 282 -11.18 6.35 -9.93
N ARG A 283 -12.45 6.32 -9.52
CA ARG A 283 -13.10 5.05 -9.18
C ARG A 283 -12.98 4.04 -10.31
N GLU A 284 -13.20 4.52 -11.54
CA GLU A 284 -13.08 3.64 -12.69
C GLU A 284 -11.69 3.05 -12.86
N ARG A 285 -10.65 3.86 -12.61
CA ARG A 285 -9.28 3.39 -12.69
C ARG A 285 -9.01 2.30 -11.65
N TYR A 286 -9.55 2.49 -10.43
CA TYR A 286 -9.40 1.46 -9.40
C TYR A 286 -10.06 0.15 -9.83
N ILE A 287 -11.28 0.24 -10.35
CA ILE A 287 -11.96 -0.97 -10.79
C ILE A 287 -11.19 -1.64 -11.93
N GLU A 288 -10.71 -0.86 -12.88
CA GLU A 288 -9.92 -1.39 -13.98
C GLU A 288 -8.70 -2.15 -13.48
N ALA A 289 -7.96 -1.54 -12.57
CA ALA A 289 -6.77 -2.18 -12.03
C ALA A 289 -7.12 -3.48 -11.32
N TYR A 290 -8.13 -3.45 -10.46
CA TYR A 290 -8.57 -4.63 -9.74
C TYR A 290 -9.00 -5.76 -10.68
N GLU A 291 -9.82 -5.45 -11.66
CA GLU A 291 -10.34 -6.50 -12.55
C GLU A 291 -9.24 -7.07 -13.43
N ARG A 292 -8.33 -6.23 -13.89
CA ARG A 292 -7.25 -6.73 -14.73
C ARG A 292 -6.32 -7.65 -13.93
N ILE A 293 -6.02 -7.30 -12.70
CA ILE A 293 -5.11 -8.10 -11.88
C ILE A 293 -5.75 -9.39 -11.35
N SER A 294 -6.97 -9.28 -10.85
CA SER A 294 -7.62 -10.41 -10.18
C SER A 294 -8.30 -11.38 -11.14
N GLY A 295 -8.71 -10.90 -12.31
CA GLY A 295 -9.50 -11.70 -13.23
C GLY A 295 -10.91 -11.88 -12.72
N LEU A 296 -11.27 -11.11 -11.70
CA LEU A 296 -12.62 -11.12 -11.12
C LEU A 296 -13.38 -9.86 -11.50
N SER A 297 -14.69 -9.87 -11.28
CA SER A 297 -15.52 -8.70 -11.51
C SER A 297 -15.80 -7.99 -10.19
N PHE A 298 -15.59 -6.68 -10.15
CA PHE A 298 -15.86 -5.95 -8.93
C PHE A 298 -17.35 -5.94 -8.58
N SER A 299 -18.20 -6.11 -9.60
CA SER A 299 -19.64 -6.17 -9.35
C SER A 299 -20.02 -7.39 -8.48
N ASP A 300 -19.11 -8.34 -8.35
CA ASP A 300 -19.34 -9.51 -7.51
C ASP A 300 -18.82 -9.32 -6.09
N TRP A 301 -18.13 -8.22 -5.83
CA TRP A 301 -17.55 -7.99 -4.52
C TRP A 301 -18.63 -7.51 -3.56
N ILE A 302 -18.61 -8.03 -2.33
CA ILE A 302 -19.68 -7.75 -1.38
C ILE A 302 -19.73 -6.27 -1.00
N GLY A 303 -20.91 -5.82 -0.58
CA GLY A 303 -21.10 -4.46 -0.09
C GLY A 303 -22.35 -4.37 0.76
N PRO A 304 -22.65 -3.17 1.28
CA PRO A 304 -23.85 -2.99 2.09
C PRO A 304 -25.13 -3.13 1.26
C1 EDO B . 5.63 1.98 -1.87
O1 EDO B . 5.12 2.74 -2.98
C2 EDO B . 6.91 2.62 -1.38
O2 EDO B . 6.61 3.90 -0.81
C1 EDO C . -7.59 -2.11 2.13
O1 EDO C . -7.02 -0.80 2.06
C2 EDO C . -7.43 -2.60 3.56
O2 EDO C . -7.85 -3.97 3.68
C10 Q0N D . -1.70 -2.70 13.36
N12 Q0N D . -1.28 -0.87 12.20
C15 Q0N D . -1.03 0.04 11.05
C21 Q0N D . -5.00 0.73 9.73
C22 Q0N D . -3.55 0.48 10.11
N01 Q0N D . -3.02 -7.55 12.70
C02 Q0N D . -2.61 -6.44 13.51
N03 Q0N D . -2.43 -6.65 14.83
C04 Q0N D . -2.07 -5.67 15.59
N05 Q0N D . -1.86 -4.43 15.13
C06 Q0N D . -1.98 -4.13 13.79
C07 Q0N D . -2.38 -5.14 12.94
C08 Q0N D . -2.57 -4.93 11.46
N09 Q0N D . -2.71 -4.79 10.33
C11 Q0N D . -1.48 -2.20 12.09
N13 Q0N D . -1.36 -0.50 13.50
C14 Q0N D . -1.63 -1.63 14.26
C16 Q0N D . -1.76 1.28 11.18
N17 Q0N D . -3.06 1.13 11.21
C18 Q0N D . -3.66 2.31 11.59
C19 Q0N D . -4.94 2.68 10.84
O20 Q0N D . -5.67 1.57 10.60
S SO4 E . -2.66 5.40 6.59
O1 SO4 E . -4.09 5.13 6.66
O2 SO4 E . -1.93 4.38 7.35
O3 SO4 E . -2.36 6.71 7.15
O4 SO4 E . -2.24 5.36 5.19
S SO4 F . 8.73 6.78 -1.54
O1 SO4 F . 7.28 6.91 -1.53
O2 SO4 F . 9.09 5.46 -1.02
O3 SO4 F . 9.23 6.91 -2.90
O4 SO4 F . 9.32 7.80 -0.69
#